data_2XU3
#
_entry.id   2XU3
#
_cell.length_a   44.441
_cell.length_b   49.394
_cell.length_c   46.129
_cell.angle_alpha   90.00
_cell.angle_beta   105.13
_cell.angle_gamma   90.00
#
_symmetry.space_group_name_H-M   'P 1 21 1'
#
loop_
_entity.id
_entity.type
_entity.pdbx_description
1 polymer 'CATHEPSIN L1'
2 non-polymer (2S,4R)-4-(2-chlorophenyl)sulfonyl-1-[1-(5-chlorothiophen-2-yl)cyclopropyl]carbonyl-N-[1-(iminomethyl)cyclopropyl]pyrrolidine-2-carboxamide
3 non-polymer 2-[BIS-(2-HYDROXY-ETHYL)-AMINO]-2-HYDROXYMETHYL-PROPANE-1,3-DIOL
4 non-polymer 'CHLORIDE ION'
5 water water
#
_entity_poly.entity_id   1
_entity_poly.type   'polypeptide(L)'
_entity_poly.pdbx_seq_one_letter_code
;APRSVDWREKGYVTPVKNQGQCGSCWAFSATGALEGQMFRKTGRLISLSEQNLVDCSGPQGNEGCNGGLMDYAFQYVQDN
GGLDSEESYPYEATEESCKYNPKYSVANDTGFVDIPKQEKALMKAVATVGPISVAIDAGHESFLFYKEGIYFEPDCSSED
MDHGVLVVGYGFESTESDNNKYWLVKNSWGEEWGMGGYVKMAKDRRNHCGIASAASYPTV
;
_entity_poly.pdbx_strand_id   A
#
loop_
_chem_comp.id
_chem_comp.type
_chem_comp.name
_chem_comp.formula
BTB non-polymer 2-[BIS-(2-HYDROXY-ETHYL)-AMINO]-2-HYDROXYMETHYL-PROPANE-1,3-DIOL 'C8 H19 N O5'
CL non-polymer 'CHLORIDE ION' 'Cl -1'
XU3 non-polymer (2S,4R)-4-(2-chlorophenyl)sulfonyl-1-[1-(5-chlorothiophen-2-yl)cyclopropyl]carbonyl-N-[1-(iminomethyl)cyclopropyl]pyrrolidine-2-carboxamide 'C23 H23 Cl2 N3 O4 S2'
#
# COMPACT_ATOMS: atom_id res chain seq x y z
N ALA A 1 13.34 -18.77 3.10
CA ALA A 1 12.01 -18.16 2.99
C ALA A 1 11.10 -19.01 2.09
N PRO A 2 9.80 -18.86 2.24
CA PRO A 2 8.87 -19.51 1.34
C PRO A 2 9.08 -19.04 -0.09
N ARG A 3 8.74 -19.90 -1.04
CA ARG A 3 8.81 -19.55 -2.44
C ARG A 3 7.71 -18.56 -2.86
N SER A 4 6.60 -18.61 -2.15
CA SER A 4 5.49 -17.71 -2.38
C SER A 4 4.94 -17.29 -1.03
N VAL A 5 4.44 -16.06 -0.97
CA VAL A 5 3.75 -15.52 0.20
C VAL A 5 2.49 -14.83 -0.27
N ASP A 6 1.40 -15.00 0.49
CA ASP A 6 0.14 -14.28 0.25
C ASP A 6 -0.53 -14.06 1.57
N TRP A 7 -0.40 -12.87 2.12
CA TRP A 7 -0.98 -12.57 3.42
C TRP A 7 -2.51 -12.62 3.44
N ARG A 8 -3.15 -12.57 2.28
CA ARG A 8 -4.59 -12.78 2.26
C ARG A 8 -4.97 -14.12 2.87
N GLU A 9 -4.10 -15.12 2.68
CA GLU A 9 -4.37 -16.47 3.15
C GLU A 9 -4.37 -16.57 4.65
N LYS A 10 -3.84 -15.57 5.35
CA LYS A 10 -3.84 -15.55 6.80
C LYS A 10 -4.81 -14.53 7.41
N GLY A 11 -5.58 -13.86 6.57
CA GLY A 11 -6.61 -12.96 7.09
C GLY A 11 -6.17 -11.53 7.36
N TYR A 12 -5.04 -11.13 6.80
CA TYR A 12 -4.44 -9.82 7.07
C TYR A 12 -4.97 -8.69 6.20
N VAL A 13 -5.79 -8.99 5.18
CA VAL A 13 -6.02 -8.05 4.10
C VAL A 13 -7.52 -7.85 3.87
N THR A 14 -7.97 -6.61 3.87
CA THR A 14 -9.34 -6.29 3.54
C THR A 14 -9.58 -6.42 2.02
N PRO A 15 -10.83 -6.51 1.59
CA PRO A 15 -11.08 -6.49 0.15
C PRO A 15 -10.53 -5.26 -0.52
N VAL A 16 -10.40 -5.33 -1.84
CA VAL A 16 -9.95 -4.21 -2.64
C VAL A 16 -10.92 -3.05 -2.51
N LYS A 17 -10.35 -1.87 -2.34
CA LYS A 17 -11.04 -0.62 -2.24
C LYS A 17 -10.81 0.22 -3.51
N ASN A 18 -11.53 1.34 -3.60
CA ASN A 18 -11.45 2.20 -4.76
C ASN A 18 -11.36 3.65 -4.30
N GLN A 19 -10.21 4.27 -4.57
CA GLN A 19 -9.97 5.66 -4.21
C GLN A 19 -10.83 6.64 -5.02
N GLY A 20 -11.43 6.20 -6.12
CA GLY A 20 -12.27 7.09 -6.91
C GLY A 20 -11.50 8.29 -7.41
N GLN A 21 -12.19 9.43 -7.50
N GLN A 21 -12.18 9.43 -7.38
CA GLN A 21 -11.64 10.63 -8.11
CA GLN A 21 -11.75 10.68 -8.04
C GLN A 21 -10.99 11.51 -7.05
C GLN A 21 -10.68 11.49 -7.28
N CYS A 22 -10.14 10.92 -6.23
CA CYS A 22 -9.29 11.63 -5.29
C CYS A 22 -7.90 10.99 -5.32
N GLY A 23 -6.87 11.81 -5.21
CA GLY A 23 -5.49 11.34 -5.22
C GLY A 23 -5.01 10.88 -3.86
N SER A 24 -5.68 9.85 -3.36
CA SER A 24 -5.53 9.34 -2.02
C SER A 24 -4.89 7.97 -1.98
N CYS A 25 -4.19 7.59 -3.06
CA CYS A 25 -3.50 6.28 -3.09
C CYS A 25 -2.68 6.02 -1.83
N TRP A 26 -1.95 7.04 -1.39
CA TRP A 26 -1.10 6.98 -0.20
C TRP A 26 -1.89 6.58 1.03
N ALA A 27 -3.11 7.06 1.15
CA ALA A 27 -3.96 6.77 2.29
C ALA A 27 -4.41 5.30 2.27
N PHE A 28 -4.78 4.79 1.09
CA PHE A 28 -5.13 3.38 0.95
C PHE A 28 -3.92 2.48 1.22
N SER A 29 -2.75 2.86 0.74
CA SER A 29 -1.56 2.09 1.04
C SER A 29 -1.32 2.03 2.55
N ALA A 30 -1.43 3.19 3.20
CA ALA A 30 -1.20 3.26 4.65
C ALA A 30 -2.25 2.46 5.43
N THR A 31 -3.54 2.62 5.11
CA THR A 31 -4.52 1.84 5.84
C THR A 31 -4.34 0.37 5.59
N GLY A 32 -3.91 -0.05 4.38
CA GLY A 32 -3.68 -1.48 4.15
C GLY A 32 -2.57 -2.01 5.03
N ALA A 33 -1.47 -1.26 5.17
CA ALA A 33 -0.39 -1.70 6.00
C ALA A 33 -0.80 -1.73 7.47
N LEU A 34 -1.55 -0.73 7.92
N LEU A 34 -1.53 -0.70 7.90
CA LEU A 34 -1.96 -0.68 9.31
CA LEU A 34 -2.03 -0.62 9.27
C LEU A 34 -3.04 -1.76 9.60
C LEU A 34 -3.00 -1.77 9.57
N GLU A 35 -3.92 -2.04 8.64
CA GLU A 35 -4.88 -3.14 8.80
C GLU A 35 -4.12 -4.43 9.07
N GLY A 36 -3.05 -4.65 8.31
CA GLY A 36 -2.28 -5.88 8.49
C GLY A 36 -1.57 -5.95 9.82
N GLN A 37 -0.94 -4.87 10.24
CA GLN A 37 -0.25 -4.90 11.53
C GLN A 37 -1.17 -4.93 12.73
N MET A 38 -2.32 -4.26 12.61
CA MET A 38 -3.33 -4.40 13.68
C MET A 38 -3.81 -5.83 13.76
N PHE A 39 -4.03 -6.49 12.61
CA PHE A 39 -4.43 -7.88 12.63
C PHE A 39 -3.35 -8.79 13.25
N ARG A 40 -2.09 -8.52 12.92
CA ARG A 40 -0.95 -9.24 13.50
C ARG A 40 -1.00 -9.16 15.03
N LYS A 41 -1.33 -7.97 15.53
N LYS A 41 -1.38 -7.98 15.54
CA LYS A 41 -1.42 -7.71 16.98
CA LYS A 41 -1.38 -7.77 16.98
C LYS A 41 -2.61 -8.42 17.63
C LYS A 41 -2.64 -8.28 17.71
N THR A 42 -3.79 -8.18 17.06
CA THR A 42 -5.06 -8.48 17.75
C THR A 42 -5.84 -9.68 17.22
N GLY A 43 -5.54 -10.13 16.00
CA GLY A 43 -6.32 -11.14 15.34
C GLY A 43 -7.66 -10.67 14.81
N ARG A 44 -7.89 -9.35 14.78
CA ARG A 44 -9.13 -8.76 14.27
C ARG A 44 -8.80 -7.89 13.07
N LEU A 45 -9.47 -8.17 11.95
CA LEU A 45 -9.33 -7.38 10.73
C LEU A 45 -10.43 -6.34 10.71
N ILE A 46 -10.03 -5.07 10.80
CA ILE A 46 -11.00 -3.95 10.81
C ILE A 46 -10.58 -2.95 9.77
N SER A 47 -11.47 -2.67 8.83
CA SER A 47 -11.19 -1.70 7.80
C SER A 47 -11.06 -0.30 8.38
N LEU A 48 -10.02 0.39 7.97
CA LEU A 48 -9.67 1.69 8.52
C LEU A 48 -10.03 2.84 7.58
N SER A 49 -10.16 4.04 8.15
CA SER A 49 -10.67 5.19 7.41
C SER A 49 -9.59 5.94 6.63
N GLU A 50 -9.58 5.79 5.29
CA GLU A 50 -8.77 6.63 4.45
C GLU A 50 -9.22 8.08 4.54
N GLN A 51 -10.52 8.32 4.70
CA GLN A 51 -11.03 9.68 4.75
C GLN A 51 -10.40 10.46 5.95
N ASN A 52 -10.27 9.76 7.07
CA ASN A 52 -9.61 10.35 8.25
C ASN A 52 -8.20 10.82 7.90
N LEU A 53 -7.47 10.00 7.14
CA LEU A 53 -6.14 10.40 6.73
C LEU A 53 -6.17 11.58 5.76
N VAL A 54 -7.05 11.52 4.76
CA VAL A 54 -7.15 12.60 3.77
C VAL A 54 -7.45 13.93 4.43
N ASP A 55 -8.41 13.92 5.35
CA ASP A 55 -8.91 15.17 5.96
C ASP A 55 -7.99 15.73 7.03
N CYS A 56 -7.14 14.89 7.66
CA CYS A 56 -6.53 15.28 8.94
C CYS A 56 -5.04 15.32 8.98
N SER A 57 -4.35 14.71 8.00
CA SER A 57 -2.89 14.56 8.09
C SER A 57 -2.10 15.62 7.31
N GLY A 58 -2.71 16.78 7.10
CA GLY A 58 -2.00 17.90 6.53
C GLY A 58 -0.79 18.35 7.33
N PRO A 59 -0.90 18.43 8.68
CA PRO A 59 0.27 18.93 9.41
C PRO A 59 1.52 18.05 9.30
N GLN A 60 1.30 16.77 9.06
CA GLN A 60 2.38 15.80 8.86
C GLN A 60 2.99 15.88 7.47
N GLY A 61 2.37 16.63 6.56
CA GLY A 61 2.89 16.85 5.21
C GLY A 61 2.00 16.35 4.09
N ASN A 62 0.87 15.70 4.39
CA ASN A 62 0.02 15.22 3.31
C ASN A 62 -0.79 16.31 2.70
N GLU A 63 -1.24 16.09 1.46
N GLU A 63 -1.22 16.04 1.47
CA GLU A 63 -1.99 17.11 0.70
CA GLU A 63 -1.83 17.02 0.58
C GLU A 63 -3.26 16.57 0.13
C GLU A 63 -3.22 16.54 0.11
N GLY A 64 -3.94 15.77 0.94
CA GLY A 64 -5.32 15.45 0.68
C GLY A 64 -5.49 14.65 -0.59
N CYS A 65 -6.38 15.15 -1.44
CA CYS A 65 -6.65 14.52 -2.72
C CYS A 65 -5.61 14.84 -3.79
N ASN A 66 -4.58 15.61 -3.43
N ASN A 66 -4.57 15.62 -3.49
CA ASN A 66 -3.50 15.90 -4.34
CA ASN A 66 -3.48 15.80 -4.44
C ASN A 66 -2.21 15.18 -4.04
C ASN A 66 -2.38 14.77 -4.30
N GLY A 67 -2.21 14.25 -3.09
CA GLY A 67 -1.10 13.34 -2.84
C GLY A 67 -0.65 13.34 -1.39
N GLY A 68 0.29 12.45 -1.11
CA GLY A 68 0.77 12.28 0.23
C GLY A 68 1.75 11.14 0.30
N LEU A 69 2.28 10.93 1.51
CA LEU A 69 3.26 9.86 1.77
C LEU A 69 2.70 8.93 2.85
N MET A 70 2.92 7.64 2.66
CA MET A 70 2.51 6.66 3.65
C MET A 70 3.18 6.94 5.01
N ASP A 71 4.46 7.32 5.00
CA ASP A 71 5.12 7.58 6.29
C ASP A 71 4.50 8.76 7.00
N TYR A 72 4.05 9.79 6.27
CA TYR A 72 3.35 10.91 6.89
C TYR A 72 2.04 10.46 7.51
N ALA A 73 1.34 9.53 6.82
CA ALA A 73 0.13 8.95 7.40
C ALA A 73 0.41 8.17 8.69
N PHE A 74 1.46 7.36 8.70
CA PHE A 74 1.81 6.64 9.91
C PHE A 74 2.15 7.63 11.05
N GLN A 75 2.86 8.68 10.72
CA GLN A 75 3.20 9.70 11.71
C GLN A 75 1.93 10.37 12.25
N TYR A 76 0.97 10.62 11.37
CA TYR A 76 -0.29 11.19 11.83
C TYR A 76 -0.97 10.28 12.86
N VAL A 77 -1.08 8.98 12.55
CA VAL A 77 -1.78 8.09 13.48
C VAL A 77 -1.07 8.11 14.85
N GLN A 78 0.26 8.13 14.84
CA GLN A 78 1.03 8.21 16.07
C GLN A 78 0.76 9.53 16.80
N ASP A 79 0.89 10.64 16.10
CA ASP A 79 0.70 11.97 16.71
C ASP A 79 -0.70 12.13 17.27
N ASN A 80 -1.67 11.60 16.52
CA ASN A 80 -3.07 11.75 16.81
C ASN A 80 -3.57 10.80 17.89
N GLY A 81 -2.81 9.73 18.15
CA GLY A 81 -3.23 8.73 19.11
C GLY A 81 -4.33 7.82 18.64
N GLY A 82 -4.58 7.73 17.34
CA GLY A 82 -5.61 6.86 16.85
C GLY A 82 -5.98 7.13 15.41
N LEU A 83 -6.83 6.25 14.93
CA LEU A 83 -7.39 6.35 13.57
C LEU A 83 -8.77 5.68 13.62
N ASP A 84 -9.78 6.37 13.07
CA ASP A 84 -11.13 5.86 13.05
C ASP A 84 -11.32 4.72 12.05
N SER A 85 -12.31 3.90 12.34
CA SER A 85 -12.72 2.84 11.44
C SER A 85 -13.34 3.43 10.17
N GLU A 86 -13.26 2.65 9.10
N GLU A 86 -13.30 2.70 9.07
CA GLU A 86 -13.97 2.89 7.84
CA GLU A 86 -14.05 3.11 7.89
C GLU A 86 -15.46 3.09 8.09
C GLU A 86 -15.52 3.25 8.23
N GLU A 87 -16.03 2.29 8.99
CA GLU A 87 -17.43 2.34 9.33
C GLU A 87 -17.82 3.72 9.90
N SER A 88 -17.01 4.20 10.83
CA SER A 88 -17.34 5.44 11.55
C SER A 88 -17.02 6.69 10.77
N TYR A 89 -16.13 6.61 9.79
CA TYR A 89 -15.64 7.80 9.10
C TYR A 89 -15.49 7.40 7.62
N PRO A 90 -16.62 7.31 6.91
CA PRO A 90 -16.65 6.70 5.59
C PRO A 90 -15.97 7.53 4.51
N TYR A 91 -15.63 6.83 3.44
CA TYR A 91 -14.85 7.45 2.37
C TYR A 91 -15.74 8.29 1.44
N GLU A 92 -15.32 9.51 1.19
CA GLU A 92 -16.03 10.49 0.38
C GLU A 92 -15.31 10.88 -0.90
N ALA A 93 -14.02 10.56 -1.01
CA ALA A 93 -13.22 10.91 -2.20
C ALA A 93 -13.12 12.42 -2.45
N THR A 94 -13.15 13.22 -1.38
N THR A 94 -13.22 13.21 -1.39
CA THR A 94 -12.93 14.65 -1.48
CA THR A 94 -12.92 14.64 -1.44
C THR A 94 -12.40 15.10 -0.12
C THR A 94 -12.08 14.92 -0.20
N GLU A 95 -11.52 16.12 -0.12
CA GLU A 95 -10.85 16.60 1.09
C GLU A 95 -11.78 17.55 1.82
N GLU A 96 -12.01 17.26 3.08
CA GLU A 96 -12.93 18.02 3.91
C GLU A 96 -12.23 18.37 5.22
N SER A 97 -12.89 19.17 6.05
CA SER A 97 -12.39 19.41 7.39
C SER A 97 -12.28 18.09 8.17
N CYS A 98 -11.32 18.05 9.08
CA CYS A 98 -11.07 16.87 9.86
C CYS A 98 -12.25 16.58 10.81
N LYS A 99 -12.72 15.35 10.79
CA LYS A 99 -13.84 14.88 11.63
C LYS A 99 -13.40 13.74 12.53
N TYR A 100 -12.10 13.62 12.81
CA TYR A 100 -11.63 12.55 13.68
C TYR A 100 -12.37 12.60 15.01
N ASN A 101 -12.79 11.44 15.49
CA ASN A 101 -13.49 11.32 16.75
C ASN A 101 -12.81 10.18 17.51
N PRO A 102 -12.18 10.47 18.65
CA PRO A 102 -11.50 9.42 19.41
C PRO A 102 -12.41 8.28 19.88
N LYS A 103 -13.70 8.54 20.05
CA LYS A 103 -14.65 7.48 20.44
C LYS A 103 -14.60 6.28 19.49
N TYR A 104 -14.34 6.55 18.22
CA TYR A 104 -14.40 5.53 17.17
C TYR A 104 -13.03 5.11 16.67
N SER A 105 -11.97 5.45 17.41
CA SER A 105 -10.65 4.96 17.02
C SER A 105 -10.54 3.47 17.24
N VAL A 106 -9.98 2.78 16.26
CA VAL A 106 -9.80 1.34 16.33
C VAL A 106 -8.38 0.89 15.99
N ALA A 107 -7.47 1.82 15.79
CA ALA A 107 -6.11 1.50 15.49
C ALA A 107 -5.18 2.56 16.04
N ASN A 108 -3.93 2.18 16.20
N ASN A 108 -3.90 2.23 16.11
CA ASN A 108 -2.89 3.03 16.75
CA ASN A 108 -2.88 3.16 16.55
C ASN A 108 -1.62 2.64 16.07
C ASN A 108 -1.50 2.67 16.14
N ASP A 109 -0.61 3.50 16.19
N ASP A 109 -0.53 3.59 15.95
CA ASP A 109 0.71 3.12 15.76
CA ASP A 109 0.81 3.14 15.70
C ASP A 109 1.74 3.94 16.52
C ASP A 109 1.79 3.98 16.44
N THR A 110 2.90 3.32 16.68
CA THR A 110 3.92 3.79 17.57
C THR A 110 5.11 4.33 16.81
N GLY A 111 5.04 4.30 15.48
CA GLY A 111 6.15 4.65 14.63
C GLY A 111 6.01 3.91 13.31
N PHE A 112 7.09 3.95 12.54
CA PHE A 112 7.14 3.25 11.27
C PHE A 112 8.57 2.89 10.96
N VAL A 113 8.71 1.91 10.07
CA VAL A 113 10.00 1.35 9.68
C VAL A 113 10.17 1.58 8.20
N ASP A 114 11.29 2.19 7.84
CA ASP A 114 11.67 2.35 6.43
C ASP A 114 12.65 1.23 6.06
N ILE A 115 12.21 0.39 5.14
CA ILE A 115 13.01 -0.72 4.64
C ILE A 115 14.11 -0.16 3.74
N PRO A 116 15.35 -0.69 3.81
CA PRO A 116 16.38 -0.18 2.89
C PRO A 116 16.00 -0.46 1.43
N LYS A 117 16.65 0.27 0.53
N LYS A 117 16.61 0.31 0.52
CA LYS A 117 16.36 0.24 -0.89
CA LYS A 117 16.33 0.21 -0.91
C LYS A 117 16.97 -1.00 -1.56
C LYS A 117 17.03 -1.01 -1.48
N GLN A 118 16.45 -2.16 -1.17
CA GLN A 118 16.96 -3.47 -1.62
C GLN A 118 15.77 -4.39 -1.78
N GLU A 119 15.61 -5.02 -2.94
CA GLU A 119 14.57 -6.02 -3.08
C GLU A 119 14.73 -7.20 -2.14
N LYS A 120 15.96 -7.54 -1.74
CA LYS A 120 16.13 -8.61 -0.77
C LYS A 120 15.57 -8.20 0.60
N ALA A 121 15.78 -6.96 0.99
CA ALA A 121 15.24 -6.47 2.25
C ALA A 121 13.73 -6.41 2.20
N LEU A 122 13.18 -5.98 1.08
CA LEU A 122 11.72 -5.97 0.93
C LEU A 122 11.18 -7.42 1.03
N MET A 123 11.87 -8.39 0.39
CA MET A 123 11.38 -9.76 0.44
C MET A 123 11.36 -10.29 1.87
N LYS A 124 12.39 -10.01 2.64
CA LYS A 124 12.46 -10.47 4.02
C LYS A 124 11.32 -9.86 4.83
N ALA A 125 11.07 -8.56 4.61
CA ALA A 125 9.97 -7.90 5.32
C ALA A 125 8.61 -8.54 4.92
N VAL A 126 8.38 -8.72 3.63
CA VAL A 126 7.12 -9.33 3.19
C VAL A 126 6.97 -10.75 3.76
N ALA A 127 8.07 -11.50 3.84
CA ALA A 127 7.97 -12.87 4.32
C ALA A 127 7.68 -12.95 5.81
N THR A 128 8.01 -11.92 6.59
CA THR A 128 7.98 -12.01 8.05
C THR A 128 6.99 -11.05 8.72
N VAL A 129 6.79 -9.86 8.18
CA VAL A 129 6.04 -8.79 8.84
C VAL A 129 4.55 -8.81 8.51
N GLY A 130 4.23 -8.87 7.22
CA GLY A 130 2.89 -8.68 6.74
C GLY A 130 2.92 -7.79 5.52
N PRO A 131 1.75 -7.31 5.09
CA PRO A 131 1.69 -6.39 3.97
C PRO A 131 2.51 -5.14 4.20
N ILE A 132 3.18 -4.67 3.15
CA ILE A 132 4.14 -3.57 3.22
C ILE A 132 3.70 -2.45 2.27
N SER A 133 3.66 -1.21 2.76
CA SER A 133 3.41 -0.07 1.87
C SER A 133 4.62 0.15 0.97
N VAL A 134 4.34 0.39 -0.32
CA VAL A 134 5.42 0.66 -1.25
C VAL A 134 5.00 1.77 -2.22
N ALA A 135 6.00 2.49 -2.70
CA ALA A 135 5.92 3.43 -3.80
C ALA A 135 6.30 2.73 -5.08
N ILE A 136 5.52 2.96 -6.15
CA ILE A 136 5.87 2.49 -7.49
C ILE A 136 5.71 3.62 -8.51
N ASP A 137 6.42 3.47 -9.61
CA ASP A 137 6.16 4.25 -10.81
C ASP A 137 5.01 3.60 -11.57
N ALA A 138 3.85 4.25 -11.50
CA ALA A 138 2.65 3.85 -12.21
C ALA A 138 2.40 4.76 -13.42
N GLY A 139 3.37 5.61 -13.77
CA GLY A 139 3.17 6.67 -14.75
C GLY A 139 3.36 6.27 -16.20
N HIS A 140 2.72 5.19 -16.60
CA HIS A 140 2.80 4.66 -17.93
C HIS A 140 1.43 4.10 -18.32
N GLU A 141 1.06 4.25 -19.58
CA GLU A 141 -0.19 3.68 -20.07
C GLU A 141 -0.25 2.19 -19.83
N SER A 142 0.90 1.51 -19.87
CA SER A 142 0.90 0.07 -19.66
C SER A 142 0.34 -0.31 -18.29
N PHE A 143 0.57 0.54 -17.28
CA PHE A 143 0.08 0.26 -15.93
C PHE A 143 -1.43 0.56 -15.89
N LEU A 144 -1.82 1.71 -16.44
CA LEU A 144 -3.22 2.07 -16.43
C LEU A 144 -4.07 0.98 -17.06
N PHE A 145 -3.57 0.36 -18.14
CA PHE A 145 -4.31 -0.65 -18.90
C PHE A 145 -3.88 -2.08 -18.62
N TYR A 146 -3.17 -2.28 -17.52
CA TYR A 146 -2.77 -3.62 -17.10
C TYR A 146 -3.99 -4.49 -16.84
N LYS A 147 -3.95 -5.72 -17.32
CA LYS A 147 -5.02 -6.69 -17.09
C LYS A 147 -4.57 -7.92 -16.35
N GLU A 148 -3.44 -8.52 -16.75
CA GLU A 148 -3.02 -9.79 -16.17
C GLU A 148 -1.56 -10.06 -16.47
N GLY A 149 -1.01 -11.02 -15.76
CA GLY A 149 0.36 -11.46 -15.97
C GLY A 149 1.33 -10.64 -15.16
N ILE A 150 2.62 -10.87 -15.38
CA ILE A 150 3.64 -10.11 -14.69
C ILE A 150 3.84 -8.80 -15.40
N TYR A 151 3.59 -7.71 -14.71
CA TYR A 151 3.80 -6.38 -15.25
C TYR A 151 5.29 -6.05 -15.32
N PHE A 152 5.73 -5.70 -16.52
CA PHE A 152 7.08 -5.25 -16.77
C PHE A 152 7.01 -4.16 -17.81
N GLU A 153 7.55 -3.01 -17.46
CA GLU A 153 7.53 -1.83 -18.30
C GLU A 153 8.96 -1.37 -18.49
N PRO A 154 9.53 -1.57 -19.70
CA PRO A 154 10.93 -1.20 -19.89
C PRO A 154 11.30 0.23 -19.50
N ASP A 155 10.36 1.17 -19.61
CA ASP A 155 10.59 2.58 -19.30
C ASP A 155 10.34 2.91 -17.81
N CYS A 156 10.04 1.92 -16.96
CA CYS A 156 9.74 2.20 -15.57
C CYS A 156 10.95 2.76 -14.85
N SER A 157 10.69 3.67 -13.92
CA SER A 157 11.73 4.32 -13.14
C SER A 157 11.82 3.75 -11.73
N SER A 158 13.06 3.59 -11.23
N SER A 158 13.04 3.59 -11.20
CA SER A 158 13.29 3.20 -9.84
CA SER A 158 13.21 3.21 -9.80
C SER A 158 13.44 4.40 -8.90
C SER A 158 13.43 4.41 -8.88
N GLU A 159 13.32 5.61 -9.43
CA GLU A 159 13.40 6.85 -8.64
C GLU A 159 12.15 7.71 -8.69
N ASP A 160 11.40 7.71 -9.80
N ASP A 160 11.42 7.62 -9.81
CA ASP A 160 10.28 8.64 -10.00
CA ASP A 160 10.30 8.50 -10.12
C ASP A 160 8.93 7.96 -9.74
C ASP A 160 8.95 7.85 -9.80
N MET A 161 8.88 7.21 -8.64
CA MET A 161 7.64 6.66 -8.18
C MET A 161 6.59 7.75 -7.98
N ASP A 162 5.35 7.39 -8.24
N ASP A 162 5.35 7.40 -8.23
CA ASP A 162 4.24 8.34 -8.22
CA ASP A 162 4.26 8.36 -8.15
C ASP A 162 2.94 7.75 -7.68
C ASP A 162 2.95 7.76 -7.64
N HIS A 163 2.97 6.57 -7.08
CA HIS A 163 1.76 5.87 -6.70
C HIS A 163 2.07 4.96 -5.53
N GLY A 164 1.28 5.06 -4.47
CA GLY A 164 1.43 4.23 -3.29
C GLY A 164 0.46 3.06 -3.34
N VAL A 165 0.99 1.86 -3.09
CA VAL A 165 0.24 0.60 -3.15
C VAL A 165 0.73 -0.30 -2.01
N LEU A 166 0.29 -1.55 -2.01
CA LEU A 166 0.52 -2.44 -0.87
C LEU A 166 1.02 -3.78 -1.39
N VAL A 167 2.20 -4.21 -0.95
CA VAL A 167 2.67 -5.54 -1.30
C VAL A 167 2.11 -6.51 -0.29
N VAL A 168 1.29 -7.47 -0.74
N VAL A 168 1.32 -7.46 -0.80
CA VAL A 168 0.75 -8.49 0.16
CA VAL A 168 0.60 -8.47 -0.03
C VAL A 168 1.39 -9.85 -0.04
C VAL A 168 1.39 -9.80 -0.02
N GLY A 169 2.40 -9.95 -0.89
CA GLY A 169 3.11 -11.19 -1.03
C GLY A 169 4.02 -11.18 -2.22
N TYR A 170 4.44 -12.36 -2.63
CA TYR A 170 5.30 -12.54 -3.79
C TYR A 170 5.12 -13.96 -4.28
N GLY A 171 5.60 -14.22 -5.49
CA GLY A 171 5.49 -15.56 -6.04
C GLY A 171 6.25 -15.64 -7.35
N PHE A 172 5.86 -16.62 -8.14
CA PHE A 172 6.51 -16.86 -9.41
C PHE A 172 5.53 -17.50 -10.37
N GLU A 173 5.78 -17.35 -11.67
CA GLU A 173 5.02 -18.02 -12.72
C GLU A 173 5.85 -19.18 -13.22
N SER A 174 5.18 -20.31 -13.42
CA SER A 174 5.84 -21.49 -13.94
C SER A 174 6.23 -21.28 -15.41
N THR A 175 7.53 -21.33 -15.67
CA THR A 175 8.07 -21.17 -17.01
C THR A 175 9.55 -21.49 -17.00
N GLU A 176 10.09 -21.87 -18.16
CA GLU A 176 11.54 -21.99 -18.35
C GLU A 176 12.18 -20.65 -18.67
N SER A 177 11.36 -19.65 -19.00
N SER A 177 11.38 -19.66 -19.04
CA SER A 177 11.86 -18.33 -19.37
CA SER A 177 11.93 -18.37 -19.43
C SER A 177 12.52 -17.63 -18.20
C SER A 177 12.57 -17.68 -18.23
N ASP A 178 13.48 -16.76 -18.52
CA ASP A 178 14.18 -16.01 -17.50
C ASP A 178 13.17 -15.08 -16.79
N ASN A 179 13.46 -14.78 -15.53
CA ASN A 179 12.80 -13.68 -14.84
C ASN A 179 11.31 -13.91 -14.66
N ASN A 180 10.94 -14.89 -13.83
CA ASN A 180 9.55 -15.30 -13.65
C ASN A 180 8.96 -14.94 -12.29
N LYS A 181 9.59 -14.05 -11.53
CA LYS A 181 9.12 -13.74 -10.19
C LYS A 181 8.33 -12.44 -10.15
N TYR A 182 7.42 -12.34 -9.18
CA TYR A 182 6.62 -11.12 -9.04
C TYR A 182 6.33 -10.86 -7.57
N TRP A 183 6.02 -9.57 -7.35
CA TRP A 183 5.43 -9.05 -6.11
C TRP A 183 3.91 -9.02 -6.31
N LEU A 184 3.16 -9.51 -5.33
CA LEU A 184 1.71 -9.50 -5.35
C LEU A 184 1.25 -8.17 -4.73
N VAL A 185 0.68 -7.30 -5.54
CA VAL A 185 0.40 -5.93 -5.13
C VAL A 185 -1.11 -5.65 -5.20
N LYS A 186 -1.65 -5.17 -4.06
CA LYS A 186 -3.02 -4.69 -3.95
C LYS A 186 -3.04 -3.21 -4.36
N ASN A 187 -3.82 -2.88 -5.38
CA ASN A 187 -4.05 -1.48 -5.75
C ASN A 187 -5.33 -0.98 -5.08
N SER A 188 -5.62 0.29 -5.30
CA SER A 188 -6.82 0.97 -4.75
C SER A 188 -7.65 1.57 -5.87
N TRP A 189 -7.75 0.83 -6.99
CA TRP A 189 -8.48 1.27 -8.16
C TRP A 189 -9.69 0.38 -8.42
N GLY A 190 -10.17 -0.30 -7.38
CA GLY A 190 -11.31 -1.20 -7.52
C GLY A 190 -10.94 -2.53 -8.15
N GLU A 191 -11.87 -3.46 -8.12
CA GLU A 191 -11.67 -4.76 -8.73
C GLU A 191 -11.85 -4.73 -10.25
N GLU A 192 -12.34 -3.63 -10.80
N GLU A 192 -12.39 -3.64 -10.79
CA GLU A 192 -12.47 -3.52 -12.24
CA GLU A 192 -12.50 -3.45 -12.26
C GLU A 192 -11.12 -3.34 -12.93
C GLU A 192 -11.16 -3.13 -12.95
N TRP A 193 -10.10 -2.96 -12.18
CA TRP A 193 -8.76 -2.79 -12.73
C TRP A 193 -7.91 -4.02 -12.44
N GLY A 194 -7.07 -4.40 -13.39
CA GLY A 194 -6.08 -5.43 -13.17
C GLY A 194 -6.69 -6.79 -12.91
N MET A 195 -6.02 -7.59 -12.10
CA MET A 195 -6.46 -8.92 -11.76
C MET A 195 -7.27 -8.82 -10.48
N GLY A 196 -8.57 -8.55 -10.63
CA GLY A 196 -9.38 -8.31 -9.47
C GLY A 196 -8.83 -7.24 -8.52
N GLY A 197 -8.23 -6.22 -9.10
CA GLY A 197 -7.70 -5.14 -8.32
C GLY A 197 -6.24 -5.30 -7.90
N TYR A 198 -5.63 -6.43 -8.22
CA TYR A 198 -4.25 -6.72 -7.92
C TYR A 198 -3.40 -6.68 -9.20
N VAL A 199 -2.10 -6.52 -9.01
CA VAL A 199 -1.13 -6.56 -10.07
C VAL A 199 0.06 -7.39 -9.60
N LYS A 200 0.56 -8.24 -10.51
CA LYS A 200 1.82 -8.96 -10.27
C LYS A 200 2.94 -8.10 -10.84
N MET A 201 3.69 -7.42 -9.98
N MET A 201 3.74 -7.48 -10.01
CA MET A 201 4.77 -6.51 -10.39
CA MET A 201 4.75 -6.61 -10.56
C MET A 201 6.08 -7.32 -10.53
C MET A 201 6.09 -7.28 -10.53
N ALA A 202 6.84 -7.13 -11.61
CA ALA A 202 8.10 -7.88 -11.76
C ALA A 202 8.99 -7.73 -10.52
N LYS A 203 9.48 -8.88 -10.06
CA LYS A 203 10.33 -8.95 -8.87
C LYS A 203 11.72 -9.38 -9.27
N ASP A 204 12.73 -8.83 -8.59
CA ASP A 204 14.11 -9.15 -8.82
C ASP A 204 14.55 -8.84 -10.25
N ARG A 205 13.99 -7.77 -10.79
N ARG A 205 13.99 -7.76 -10.79
CA ARG A 205 14.38 -7.19 -12.06
CA ARG A 205 14.40 -7.20 -12.07
C ARG A 205 14.84 -5.75 -11.84
C ARG A 205 14.85 -5.77 -11.87
N ARG A 206 15.97 -5.60 -11.18
CA ARG A 206 16.58 -4.27 -10.99
C ARG A 206 15.59 -3.30 -10.34
N ASN A 207 14.93 -3.74 -9.27
CA ASN A 207 14.06 -2.84 -8.49
C ASN A 207 13.04 -2.16 -9.43
N HIS A 208 12.30 -2.99 -10.14
N HIS A 208 12.33 -3.00 -10.20
CA HIS A 208 11.45 -2.55 -11.21
CA HIS A 208 11.44 -2.57 -11.28
C HIS A 208 10.37 -1.60 -10.68
C HIS A 208 10.33 -1.65 -10.77
N CYS A 209 10.27 -0.47 -11.36
CA CYS A 209 9.31 0.57 -11.02
C CYS A 209 9.51 1.14 -9.60
N GLY A 210 10.69 0.89 -9.02
CA GLY A 210 11.01 1.45 -7.72
C GLY A 210 10.29 0.83 -6.55
N ILE A 211 9.81 -0.41 -6.70
CA ILE A 211 8.99 -1.04 -5.68
C ILE A 211 9.71 -1.20 -4.33
N ALA A 212 11.04 -1.30 -4.33
CA ALA A 212 11.80 -1.33 -3.08
C ALA A 212 12.45 0.01 -2.72
N SER A 213 12.12 1.08 -3.43
CA SER A 213 12.77 2.38 -3.18
C SER A 213 12.23 3.15 -1.99
N ALA A 214 10.99 2.94 -1.60
CA ALA A 214 10.38 3.66 -0.50
C ALA A 214 9.30 2.77 0.13
N ALA A 215 9.76 1.64 0.64
CA ALA A 215 8.91 0.66 1.28
C ALA A 215 8.90 0.87 2.79
N SER A 216 7.76 0.76 3.43
CA SER A 216 7.64 0.99 4.87
C SER A 216 6.43 0.31 5.46
N TYR A 217 6.40 0.24 6.79
CA TYR A 217 5.27 -0.29 7.47
C TYR A 217 5.20 0.31 8.87
N PRO A 218 4.02 0.31 9.47
CA PRO A 218 3.84 0.91 10.80
C PRO A 218 4.18 -0.08 11.90
N THR A 219 4.68 0.42 13.02
CA THR A 219 4.78 -0.39 14.21
C THR A 219 3.56 -0.13 15.08
N VAL A 220 3.03 -1.17 15.73
CA VAL A 220 1.80 -1.03 16.52
C VAL A 220 1.95 -1.61 17.90
N1 XU3 B . 3.15 10.62 -4.12
N1 XU3 B . 3.10 10.79 -4.19
C2 XU3 B . 4.05 10.32 -3.01
C2 XU3 B . 4.11 10.32 -3.22
CL2 XU3 B . 5.66 6.99 -0.68
CL2 XU3 B . 5.91 6.85 -0.72
C3 XU3 B . 3.80 8.83 -2.75
C3 XU3 B . 3.75 8.85 -2.81
CL3 XU3 B . 3.07 15.13 0.23
CL3 XU3 B . 2.31 15.89 -0.03
C4 XU3 B . 2.34 8.58 -3.24
C4 XU3 B . 2.32 8.67 -3.38
C5 XU3 B . 2.21 9.54 -4.40
C5 XU3 B . 2.22 9.69 -4.52
S6 XU3 B . 4.88 7.83 -3.78
S6 XU3 B . 4.81 7.52 -3.51
C7 XU3 B . 0.76 9.97 -4.58
C7 XU3 B . 0.78 10.13 -4.62
C8 XU3 B . 6.49 8.07 -3.05
C8 XU3 B . 6.46 7.99 -3.05
O9 XU3 B . 4.46 6.48 -3.52
O9 XU3 B . 4.43 6.23 -2.98
O10 XU3 B . 4.88 8.31 -5.11
O10 XU3 B . 4.85 7.74 -4.91
C11 XU3 B . 6.78 7.69 -1.74
C11 XU3 B . 6.95 7.68 -1.81
C12 XU3 B . 8.04 7.86 -1.23
C12 XU3 B . 8.24 8.05 -1.47
C13 XU3 B . 9.04 8.40 -2.01
C13 XU3 B . 9.05 8.71 -2.39
C14 XU3 B . 8.76 8.78 -3.31
C14 XU3 B . 8.57 9.02 -3.63
C15 XU3 B . 7.49 8.61 -3.83
C15 XU3 B . 7.27 8.66 -3.97
O16 XU3 B . 0.15 10.58 -3.69
O16 XU3 B . 0.26 10.81 -3.75
N17 XU3 B . 0.18 9.55 -5.72
N17 XU3 B . 0.12 9.68 -5.70
C18 XU3 B . -1.20 9.73 -6.07
C18 XU3 B . -1.28 9.96 -5.88
C19 XU3 B . -2.16 8.68 -5.58
C19 XU3 B . -2.13 8.84 -5.38
N20 XU3 B . -3.34 8.61 -5.84
N20 XU3 B . -3.29 8.80 -5.52
C21 XU3 B . -1.70 11.17 -6.15
C21 XU3 B . -1.73 11.42 -5.72
C22 XU3 B . -1.47 10.36 -7.41
C22 XU3 B . -1.63 10.78 -7.11
C24 XU3 B . 3.21 11.69 -4.91
C24 XU3 B . 3.00 12.00 -4.80
C25 XU3 B . 4.32 12.66 -4.62
C25 XU3 B . 3.99 13.08 -4.48
O26 XU3 B . 2.44 11.84 -5.86
O26 XU3 B . 2.11 12.23 -5.62
C27 XU3 B . 4.40 13.25 -3.25
C27 XU3 B . 3.89 13.67 -3.12
C28 XU3 B . 5.44 13.38 -2.41
C28 XU3 B . 4.76 13.62 -2.12
C29 XU3 B . 5.14 14.01 -1.21
C29 XU3 B . 4.37 14.32 -0.98
C30 XU3 B . 3.85 14.36 -1.10
C30 XU3 B . 3.18 14.93 -1.14
S31 XU3 B . 2.98 13.88 -2.54
S31 XU3 B . 2.52 14.66 -2.71
C33 XU3 B . 5.63 12.38 -5.34
C33 XU3 B . 5.38 13.04 -5.14
C34 XU3 B . 4.75 13.53 -5.80
C34 XU3 B . 4.29 14.02 -5.64
H2 XU3 B . 5.10 10.48 -3.32
H2 XU3 B . 5.11 10.35 -3.68
H2A XU3 B . 3.82 10.93 -2.14
H2A XU3 B . 4.11 10.96 -2.34
H3 XU3 B . 3.91 8.58 -1.70
H3 XU3 B . 3.74 8.77 -1.72
H4 XU3 B . 1.63 8.81 -2.46
H4 XU3 B . 1.58 8.88 -2.62
H4A XU3 B . 2.22 7.55 -3.57
H4A XU3 B . 2.19 7.65 -3.76
H5 XU3 B . 2.55 9.03 -5.29
H5 XU3 B . 2.52 9.23 -5.46
H12 XU3 B . 8.26 7.57 -0.21
H12 XU3 B . 8.62 7.81 -0.49
H13 XU3 B . 10.02 8.55 -1.61
H13 XU3 B . 10.06 8.99 -2.10
H14 XU3 B . 9.53 9.22 -3.92
H14 XU3 B . 9.19 9.54 -4.34
H15 XU3 B . 7.28 8.90 -4.86
H15 XU3 B . 6.88 8.89 -4.95
HN17 XU3 B . 0.71 9.02 -6.32
HN17 XU3 B . 0.58 9.11 -6.33
H21 XU3 B . -2.72 11.37 -5.86
H21 XU3 B . -2.72 11.61 -5.34
H21A XU3 B . -0.98 11.95 -5.92
H21A XU3 B . -0.97 12.15 -5.45
H22 XU3 B . -2.35 10.03 -7.96
H22 XU3 B . -2.55 10.54 -7.63
H22A XU3 B . -0.60 10.62 -8.03
H22A XU3 B . -0.81 11.11 -7.75
H28 XU3 B . 6.44 13.04 -2.65
H28 XU3 B . 5.69 13.06 -2.17
H29 XU3 B . 5.86 14.18 -0.44
H29 XU3 B . 4.96 14.37 -0.08
H33 XU3 B . 6.56 12.64 -4.83
H33 XU3 B . 6.21 13.46 -4.58
H33A XU3 B . 5.67 11.49 -5.97
H33A XU3 B . 5.61 12.19 -5.77
H34 XU3 B . 5.08 14.54 -5.59
H34 XU3 B . 4.39 15.07 -5.40
H34A XU3 B . 4.20 13.41 -6.74
H34A XU3 B . 3.82 13.79 -6.58
C1 BTB C . -10.71 5.32 -9.77
O1 BTB C . -10.23 4.00 -9.57
C2 BTB C . -10.31 5.78 -11.16
C3 BTB C . -11.00 4.96 -12.24
O3 BTB C . -12.41 5.16 -12.24
C4 BTB C . -10.74 7.24 -11.31
O4 BTB C . -10.12 7.81 -12.46
N BTB C . -8.82 5.73 -11.38
C5 BTB C . -8.25 4.40 -11.72
C6 BTB C . -7.38 4.53 -12.96
O6 BTB C . -8.12 5.12 -14.02
C7 BTB C . -8.06 6.37 -10.25
C8 BTB C . -6.70 6.85 -10.67
O8 BTB C . -6.81 7.58 -11.89
H11 BTB C . -11.80 5.32 -9.68
H12 BTB C . -10.31 5.98 -9.01
H31 BTB C . -10.83 3.89 -12.08
H32 BTB C . -10.60 5.22 -13.21
H41 BTB C . -10.49 7.81 -10.42
H42 BTB C . -11.82 7.29 -11.43
H51 BTB C . -7.63 4.06 -10.90
H52 BTB C . -9.00 3.64 -11.90
H61 BTB C . -6.49 5.13 -12.75
H62 BTB C . -7.04 3.54 -13.26
HO6 BTB C . -8.68 4.44 -14.42
H71 BTB C . -7.95 5.64 -9.43
H72 BTB C . -8.60 7.23 -9.84
H81 BTB C . -6.02 6.00 -10.80
H82 BTB C . -6.29 7.51 -9.90
CL CL D . -5.12 9.78 -8.46
C1 BTB E . 18.70 -2.75 -7.55
O1 BTB E . 19.32 -3.74 -8.37
C2 BTB E . 19.25 -2.70 -6.13
C3 BTB E . 18.64 -1.49 -5.40
O3 BTB E . 18.93 -0.24 -6.08
C4 BTB E . 18.81 -3.99 -5.40
O4 BTB E . 17.37 -4.19 -5.21
N BTB E . 20.78 -2.64 -6.18
C5 BTB E . 21.42 -2.61 -4.83
C6 BTB E . 22.97 -2.71 -4.82
O6 BTB E . 23.42 -2.85 -3.45
C7 BTB E . 21.37 -1.57 -7.07
C8 BTB E . 22.39 -2.13 -8.05
O8 BTB E . 21.73 -2.93 -9.04
H11 BTB E . 18.77 -1.78 -8.03
H12 BTB E . 17.64 -2.98 -7.50
H31 BTB E . 19.04 -1.44 -4.39
H32 BTB E . 17.56 -1.61 -5.32
H41 BTB E . 19.25 -4.01 -4.41
H42 BTB E . 19.22 -4.85 -5.94
H51 BTB E . 21.15 -1.70 -4.30
H52 BTB E . 21.07 -3.45 -4.24
H61 BTB E . 23.30 -3.57 -5.40
H62 BTB E . 23.41 -1.81 -5.25
HO6 BTB E . 23.17 -3.71 -3.11
H71 BTB E . 21.86 -0.81 -6.45
H72 BTB E . 20.60 -1.06 -7.63
H81 BTB E . 23.12 -2.75 -7.52
H82 BTB E . 22.93 -1.31 -8.53
#